data_3C3W
#
_entry.id   3C3W
#
_cell.length_a   48.107
_cell.length_b   98.080
_cell.length_c   53.710
_cell.angle_alpha   90.00
_cell.angle_beta   93.81
_cell.angle_gamma   90.00
#
_symmetry.space_group_name_H-M   'P 1 21 1'
#
loop_
_entity.id
_entity.type
_entity.pdbx_description
1 polymer 'TWO COMPONENT TRANSCRIPTIONAL REGULATORY PROTEIN DEVR'
2 non-polymer 'SULFATE ION'
3 water water
#
_entity_poly.entity_id   1
_entity_poly.type   'polypeptide(L)'
_entity_poly.pdbx_seq_one_letter_code
;MVKVFLVDDHEVVRRGLVDLLGADPELDVVGEAGSVAEAMARVPAARPDVAVLDVRLPDGNGIELCRDLLSRMPDLRCLI
LTSYTSDEAMLDAILAGASGYVVKDIKGMELARAVKDVGAGRSLLDNRAAAALMAKLRGAAEKQDPLSGLTDQERTLLGL
LSEGLTNKQIADRMFLAEKTVKNYVSRLLAKLGMERRTQAAVFATELKRSRPPGDGPLEHHHHHH
;
_entity_poly.pdbx_strand_id   A,B
#
loop_
_chem_comp.id
_chem_comp.type
_chem_comp.name
_chem_comp.formula
SO4 non-polymer 'SULFATE ION' 'O4 S -2'
#
# COMPACT_ATOMS: atom_id res chain seq x y z
N MET A 1 14.89 -0.07 33.38
CA MET A 1 14.31 1.10 32.68
C MET A 1 13.48 0.73 31.45
N VAL A 2 12.57 1.62 31.07
CA VAL A 2 11.84 1.53 29.83
C VAL A 2 12.39 2.63 28.93
N LYS A 3 12.93 2.23 27.78
CA LYS A 3 13.45 3.17 26.81
C LYS A 3 12.30 3.66 25.93
N VAL A 4 12.15 4.98 25.86
CA VAL A 4 11.05 5.58 25.13
C VAL A 4 11.59 6.45 24.00
N PHE A 5 10.98 6.32 22.82
CA PHE A 5 11.28 7.18 21.68
C PHE A 5 10.07 8.09 21.36
N LEU A 6 10.29 9.37 21.18
CA LEU A 6 9.23 10.32 20.91
C LEU A 6 9.14 10.64 19.42
N VAL A 7 7.93 10.58 18.88
CA VAL A 7 7.70 10.97 17.48
C VAL A 7 6.55 11.99 17.44
N ASP A 8 6.90 13.25 17.16
CA ASP A 8 5.90 14.30 17.06
C ASP A 8 6.53 15.42 16.28
N ASP A 9 5.76 16.05 15.39
CA ASP A 9 6.35 17.05 14.51
C ASP A 9 6.43 18.45 15.16
N HIS A 10 5.87 18.62 16.35
CA HIS A 10 5.98 19.89 17.07
C HIS A 10 7.08 19.86 18.13
N GLU A 11 8.05 20.77 17.99
CA GLU A 11 9.09 20.91 18.97
C GLU A 11 8.49 21.13 20.37
N VAL A 12 7.48 22.00 20.46
CA VAL A 12 6.82 22.29 21.75
C VAL A 12 6.31 21.02 22.45
N VAL A 13 5.88 20.01 21.69
CA VAL A 13 5.29 18.79 22.26
C VAL A 13 6.40 17.81 22.70
N ARG A 14 7.46 17.74 21.88
CA ARG A 14 8.62 16.91 22.18
C ARG A 14 9.34 17.36 23.47
N ARG A 15 9.50 18.67 23.65
CA ARG A 15 10.16 19.22 24.83
C ARG A 15 9.33 18.98 26.07
N GLY A 16 8.02 19.22 25.97
CA GLY A 16 7.09 18.96 27.05
C GLY A 16 7.08 17.50 27.50
N LEU A 17 7.18 16.59 26.52
CA LEU A 17 7.21 15.15 26.80
C LEU A 17 8.57 14.73 27.38
N VAL A 18 9.63 15.42 26.94
CA VAL A 18 10.96 15.20 27.50
C VAL A 18 11.03 15.62 28.96
N ASP A 19 10.41 16.78 29.26
CA ASP A 19 10.23 17.25 30.63
C ASP A 19 9.49 16.23 31.48
N LEU A 20 8.37 15.76 30.95
CA LEU A 20 7.49 14.85 31.64
C LEU A 20 8.14 13.50 31.95
N LEU A 21 8.71 12.85 30.93
CA LEU A 21 9.33 11.54 31.13
C LEU A 21 10.64 11.59 31.90
N GLY A 22 11.29 12.75 31.88
CA GLY A 22 12.51 12.95 32.65
C GLY A 22 12.31 12.94 34.16
N ALA A 23 11.12 13.35 34.60
CA ALA A 23 10.79 13.35 36.04
C ALA A 23 10.66 11.92 36.56
N ASP A 24 10.53 10.96 35.65
CA ASP A 24 10.43 9.56 36.04
C ASP A 24 11.73 8.77 35.75
N PRO A 25 12.46 8.38 36.81
CA PRO A 25 13.75 7.70 36.66
C PRO A 25 13.61 6.30 36.08
N GLU A 26 12.36 5.83 35.95
CA GLU A 26 12.09 4.49 35.43
C GLU A 26 12.05 4.57 33.92
N LEU A 27 11.91 5.79 33.41
CA LEU A 27 11.82 5.99 31.99
C LEU A 27 13.10 6.64 31.47
N ASP A 28 13.42 6.33 30.23
CA ASP A 28 14.61 6.82 29.59
C ASP A 28 14.21 7.15 28.15
N VAL A 29 14.07 8.44 27.87
CA VAL A 29 13.94 8.87 26.50
C VAL A 29 15.24 8.60 25.73
N VAL A 30 15.17 7.75 24.72
CA VAL A 30 16.38 7.37 23.97
C VAL A 30 16.48 8.01 22.60
N GLY A 31 15.44 8.75 22.21
CA GLY A 31 15.49 9.49 20.94
C GLY A 31 14.22 10.23 20.57
N GLU A 32 14.32 11.08 19.56
CA GLU A 32 13.19 11.88 19.09
C GLU A 32 13.24 11.97 17.58
N ALA A 33 12.07 12.13 16.97
CA ALA A 33 11.95 12.23 15.52
C ALA A 33 10.70 13.06 15.23
N GLY A 34 10.73 13.82 14.15
CA GLY A 34 9.63 14.73 13.88
C GLY A 34 8.97 14.40 12.58
N SER A 35 9.22 13.21 12.08
CA SER A 35 8.64 12.78 10.79
C SER A 35 8.67 11.26 10.67
N VAL A 36 7.94 10.73 9.70
CA VAL A 36 7.98 9.30 9.38
C VAL A 36 9.42 8.83 9.06
N ALA A 37 10.09 9.53 8.14
CA ALA A 37 11.43 9.16 7.69
C ALA A 37 12.44 9.21 8.82
N GLU A 38 12.42 10.27 9.60
CA GLU A 38 13.33 10.38 10.74
C GLU A 38 13.10 9.22 11.69
N ALA A 39 11.85 8.98 12.04
CA ALA A 39 11.53 7.87 12.93
C ALA A 39 11.98 6.53 12.34
N MET A 40 11.81 6.35 11.04
CA MET A 40 12.19 5.10 10.36
C MET A 40 13.70 4.84 10.39
N ALA A 41 14.49 5.90 10.21
CA ALA A 41 15.94 5.83 10.35
C ALA A 41 16.37 5.66 11.81
N ARG A 42 15.72 6.37 12.73
CA ARG A 42 16.21 6.46 14.11
C ARG A 42 15.69 5.43 15.14
N VAL A 43 14.44 5.00 15.02
CA VAL A 43 13.91 4.02 15.99
C VAL A 43 14.67 2.68 15.88
N PRO A 44 14.94 2.20 14.65
CA PRO A 44 15.66 0.91 14.64
C PRO A 44 17.12 1.02 15.11
N ALA A 45 17.65 2.25 15.13
CA ALA A 45 18.98 2.47 15.66
C ALA A 45 18.99 2.58 17.17
N ALA A 46 17.96 3.21 17.76
CA ALA A 46 17.91 3.38 19.21
C ALA A 46 17.26 2.16 19.92
N ARG A 47 16.46 1.39 19.18
CA ARG A 47 15.78 0.21 19.73
C ARG A 47 15.08 0.50 21.06
N PRO A 48 14.18 1.49 21.05
CA PRO A 48 13.41 1.72 22.28
C PRO A 48 12.48 0.53 22.56
N ASP A 49 11.97 0.47 23.80
CA ASP A 49 10.89 -0.45 24.18
C ASP A 49 9.54 0.06 23.71
N VAL A 50 9.41 1.39 23.70
CA VAL A 50 8.15 2.06 23.46
C VAL A 50 8.35 3.26 22.56
N ALA A 51 7.45 3.41 21.60
CA ALA A 51 7.36 4.63 20.79
C ALA A 51 6.11 5.41 21.17
N VAL A 52 6.31 6.69 21.50
CA VAL A 52 5.23 7.58 21.82
C VAL A 52 5.10 8.55 20.66
N LEU A 53 3.90 8.54 20.10
CA LEU A 53 3.64 8.76 18.71
C LEU A 53 2.41 9.62 18.62
N ASP A 54 2.44 10.54 17.68
CA ASP A 54 1.27 11.31 17.33
C ASP A 54 0.87 10.88 15.89
N VAL A 55 -0.44 10.69 15.69
CA VAL A 55 -0.97 10.23 14.41
C VAL A 55 -0.63 11.17 13.23
N ARG A 56 -0.54 12.48 13.47
CA ARG A 56 -0.23 13.43 12.39
C ARG A 56 1.27 13.74 12.22
N LEU A 57 1.80 13.51 11.01
CA LEU A 57 3.20 13.78 10.68
C LEU A 57 3.28 14.50 9.33
N PRO A 58 4.40 15.19 9.05
CA PRO A 58 4.43 15.99 7.81
C PRO A 58 4.60 15.22 6.49
N ASP A 59 5.02 13.95 6.58
CA ASP A 59 5.40 13.17 5.39
C ASP A 59 4.74 11.79 5.43
N GLY A 60 3.52 11.73 5.95
CA GLY A 60 2.81 10.48 6.14
C GLY A 60 1.94 10.57 7.37
N ASN A 61 1.88 9.50 8.15
CA ASN A 61 1.07 9.49 9.35
C ASN A 61 1.50 8.38 10.27
N GLY A 62 1.04 8.43 11.52
CA GLY A 62 1.44 7.46 12.54
C GLY A 62 0.93 6.04 12.37
N ILE A 63 -0.18 5.85 11.64
CA ILE A 63 -0.67 4.51 11.36
C ILE A 63 0.33 3.82 10.41
N GLU A 64 0.63 4.50 9.31
CA GLU A 64 1.70 4.13 8.40
C GLU A 64 3.00 3.82 9.13
N LEU A 65 3.39 4.72 10.02
CA LEU A 65 4.68 4.59 10.72
C LEU A 65 4.67 3.43 11.71
N CYS A 66 3.58 3.24 12.44
CA CYS A 66 3.48 2.07 13.29
C CYS A 66 3.55 0.81 12.45
N ARG A 67 2.84 0.77 11.34
CA ARG A 67 2.87 -0.41 10.47
C ARG A 67 4.28 -0.76 9.99
N ASP A 68 5.02 0.25 9.54
CA ASP A 68 6.36 0.05 8.99
C ASP A 68 7.32 -0.31 10.10
N LEU A 69 7.19 0.38 11.23
CA LEU A 69 8.04 0.11 12.39
C LEU A 69 7.82 -1.30 12.91
N LEU A 70 6.56 -1.73 13.00
CA LEU A 70 6.20 -3.04 13.52
C LEU A 70 6.65 -4.20 12.65
N SER A 71 6.74 -3.98 11.34
CA SER A 71 7.15 -5.07 10.47
C SER A 71 8.65 -5.37 10.62
N ARG A 72 9.43 -4.38 11.01
CA ARG A 72 10.86 -4.53 11.21
C ARG A 72 11.18 -4.88 12.66
N MET A 73 10.31 -4.42 13.56
CA MET A 73 10.47 -4.51 15.00
C MET A 73 9.17 -4.95 15.65
N PRO A 74 8.89 -6.26 15.60
CA PRO A 74 7.63 -6.89 16.00
C PRO A 74 7.22 -6.65 17.46
N ASP A 75 8.20 -6.49 18.35
CA ASP A 75 7.93 -6.35 19.78
C ASP A 75 7.77 -4.92 20.26
N LEU A 76 7.89 -3.96 19.34
CA LEU A 76 7.82 -2.56 19.71
C LEU A 76 6.42 -2.24 20.20
N ARG A 77 6.35 -1.58 21.34
CA ARG A 77 5.08 -1.12 21.90
C ARG A 77 4.81 0.32 21.40
N CYS A 78 3.64 0.55 20.80
CA CYS A 78 3.34 1.83 20.16
C CYS A 78 2.14 2.49 20.83
N LEU A 79 2.36 3.68 21.37
CA LEU A 79 1.35 4.42 22.12
C LEU A 79 1.08 5.76 21.45
N ILE A 80 -0.13 5.93 20.95
CA ILE A 80 -0.57 7.18 20.31
C ILE A 80 -1.00 8.20 21.36
N LEU A 81 -0.51 9.43 21.23
CA LEU A 81 -0.65 10.41 22.30
C LEU A 81 -2.12 10.66 22.61
N THR A 82 -2.91 10.85 21.56
CA THR A 82 -4.34 11.16 21.65
C THR A 82 -5.22 9.93 21.95
N SER A 83 -4.61 8.76 22.14
CA SER A 83 -5.34 7.59 22.64
C SER A 83 -5.55 7.65 24.15
N TYR A 84 -4.92 8.62 24.80
CA TYR A 84 -5.02 8.80 26.23
C TYR A 84 -5.68 10.15 26.52
N THR A 85 -6.51 10.17 27.54
CA THR A 85 -7.16 11.38 27.99
C THR A 85 -6.20 12.37 28.66
N SER A 86 -5.01 11.88 29.05
CA SER A 86 -4.00 12.73 29.67
C SER A 86 -2.64 12.07 29.59
N ASP A 87 -1.60 12.84 29.86
CA ASP A 87 -0.23 12.34 29.90
C ASP A 87 0.01 11.38 31.05
N GLU A 88 -0.73 11.59 32.14
CA GLU A 88 -0.69 10.72 33.31
C GLU A 88 -1.20 9.32 32.98
N ALA A 89 -2.29 9.23 32.23
CA ALA A 89 -2.87 7.94 31.86
C ALA A 89 -1.92 7.24 30.91
N MET A 90 -1.30 8.04 30.02
CA MET A 90 -0.33 7.50 29.09
C MET A 90 0.91 6.96 29.81
N LEU A 91 1.41 7.71 30.79
CA LEU A 91 2.56 7.29 31.58
C LEU A 91 2.21 6.04 32.37
N ASP A 92 0.99 5.99 32.91
CA ASP A 92 0.54 4.78 33.61
C ASP A 92 0.57 3.56 32.67
N ALA A 93 0.14 3.77 31.43
CA ALA A 93 0.13 2.69 30.45
C ALA A 93 1.55 2.25 30.05
N ILE A 94 2.48 3.20 29.94
CA ILE A 94 3.88 2.84 29.75
C ILE A 94 4.41 1.97 30.89
N LEU A 95 4.12 2.37 32.12
CA LEU A 95 4.55 1.64 33.30
C LEU A 95 3.92 0.24 33.34
N ALA A 96 2.65 0.15 32.93
CA ALA A 96 1.91 -1.09 33.02
C ALA A 96 2.35 -2.13 31.99
N GLY A 97 3.11 -1.70 30.98
CA GLY A 97 3.54 -2.60 29.91
C GLY A 97 2.57 -2.69 28.74
N ALA A 98 1.70 -1.68 28.61
CA ALA A 98 0.71 -1.67 27.54
C ALA A 98 1.33 -1.56 26.13
N SER A 99 0.83 -2.36 25.20
CA SER A 99 1.35 -2.36 23.84
C SER A 99 0.77 -1.24 23.00
N GLY A 100 -0.45 -0.82 23.34
CA GLY A 100 -1.15 0.23 22.60
C GLY A 100 -2.03 -0.42 21.57
N TYR A 101 -3.28 0.06 21.46
CA TYR A 101 -4.29 -0.53 20.57
C TYR A 101 -3.93 -0.58 19.10
N VAL A 102 -3.16 0.39 18.63
CA VAL A 102 -2.82 0.47 17.23
C VAL A 102 -2.08 -0.81 16.82
N VAL A 103 -1.27 -1.36 17.74
CA VAL A 103 -0.51 -2.56 17.43
C VAL A 103 -1.43 -3.69 16.96
N LYS A 104 -2.40 -4.10 17.78
CA LYS A 104 -3.25 -5.21 17.37
C LYS A 104 -4.19 -4.82 16.22
N ASP A 105 -4.56 -3.55 16.15
CA ASP A 105 -5.32 -3.04 15.00
C ASP A 105 -4.58 -3.31 13.69
N ILE A 106 -3.26 -3.11 13.72
CA ILE A 106 -2.45 -3.26 12.51
C ILE A 106 -2.26 -4.71 12.14
N LYS A 107 -2.05 -5.55 13.14
CA LYS A 107 -1.92 -6.97 12.88
C LYS A 107 -3.26 -7.54 12.37
N GLY A 108 -4.37 -7.02 12.88
CA GLY A 108 -5.70 -7.41 12.41
C GLY A 108 -5.87 -7.06 10.94
N MET A 109 -5.50 -5.84 10.58
CA MET A 109 -5.55 -5.39 9.20
C MET A 109 -4.69 -6.25 8.26
N GLU A 110 -3.49 -6.59 8.72
CA GLU A 110 -2.56 -7.38 7.94
C GLU A 110 -3.09 -8.78 7.62
N LEU A 111 -3.65 -9.43 8.64
CA LEU A 111 -4.34 -10.70 8.45
C LEU A 111 -5.42 -10.57 7.38
N ALA A 112 -6.26 -9.53 7.49
CA ALA A 112 -7.32 -9.34 6.52
C ALA A 112 -6.79 -9.01 5.11
N ARG A 113 -5.65 -8.33 5.04
CA ARG A 113 -5.02 -8.01 3.77
C ARG A 113 -4.48 -9.28 3.13
N ALA A 114 -3.94 -10.18 3.95
CA ALA A 114 -3.41 -11.42 3.46
C ALA A 114 -4.53 -12.20 2.75
N VAL A 115 -5.74 -12.14 3.30
CA VAL A 115 -6.92 -12.79 2.71
C VAL A 115 -7.21 -12.23 1.33
N LYS A 116 -7.14 -10.90 1.21
CA LYS A 116 -7.41 -10.24 -0.07
C LYS A 116 -6.32 -10.51 -1.10
N ASP A 117 -5.07 -10.60 -0.65
CA ASP A 117 -3.92 -10.84 -1.52
C ASP A 117 -3.95 -12.24 -2.14
N VAL A 118 -4.14 -13.24 -1.29
CA VAL A 118 -4.33 -14.59 -1.77
C VAL A 118 -5.61 -14.66 -2.59
N GLY A 119 -6.63 -13.92 -2.17
CA GLY A 119 -7.86 -13.87 -2.94
C GLY A 119 -7.55 -13.43 -4.36
N ALA A 120 -6.74 -12.39 -4.49
CA ALA A 120 -6.47 -11.79 -5.78
C ALA A 120 -5.49 -12.62 -6.58
N GLY A 121 -4.50 -13.21 -5.91
CA GLY A 121 -3.44 -13.94 -6.61
C GLY A 121 -3.63 -15.44 -6.70
N ARG A 122 -4.86 -15.90 -6.48
CA ARG A 122 -5.16 -17.33 -6.32
C ARG A 122 -5.26 -18.13 -7.63
N SER A 123 -5.40 -17.44 -8.75
CA SER A 123 -5.54 -18.14 -10.04
C SER A 123 -4.20 -18.66 -10.51
N LEU A 124 -3.17 -18.56 -9.68
CA LEU A 124 -1.83 -18.98 -10.08
C LEU A 124 -1.61 -20.42 -9.70
N LEU A 125 -2.09 -20.80 -8.52
CA LEU A 125 -1.88 -22.14 -8.00
C LEU A 125 -3.05 -23.10 -8.23
N ASP A 126 -2.91 -24.32 -7.73
CA ASP A 126 -3.95 -25.35 -7.82
C ASP A 126 -5.33 -24.91 -7.32
N ASN A 127 -6.37 -25.29 -8.07
CA ASN A 127 -7.75 -25.05 -7.64
C ASN A 127 -7.98 -25.47 -6.17
N ARG A 128 -7.63 -26.72 -5.85
CA ARG A 128 -7.77 -27.23 -4.48
C ARG A 128 -6.80 -26.61 -3.47
N ALA A 129 -5.55 -26.42 -3.88
CA ALA A 129 -4.56 -25.80 -3.00
C ALA A 129 -4.98 -24.38 -2.64
N ALA A 130 -5.70 -23.72 -3.55
CA ALA A 130 -6.17 -22.35 -3.34
C ALA A 130 -7.25 -22.25 -2.28
N ALA A 131 -8.21 -23.19 -2.32
CA ALA A 131 -9.34 -23.15 -1.40
C ALA A 131 -8.86 -23.40 0.03
N ALA A 132 -8.08 -24.51 0.16
CA ALA A 132 -7.52 -24.88 1.46
C ALA A 132 -6.80 -23.69 2.09
N LEU A 133 -5.93 -23.05 1.31
CA LEU A 133 -5.26 -21.84 1.78
C LEU A 133 -6.25 -20.75 2.17
N MET A 134 -7.26 -20.53 1.32
CA MET A 134 -8.28 -19.51 1.55
C MET A 134 -9.08 -19.73 2.85
N ALA A 135 -9.49 -20.97 3.11
CA ALA A 135 -10.22 -21.30 4.34
C ALA A 135 -9.36 -21.01 5.59
N LYS A 136 -8.14 -21.55 5.60
CA LYS A 136 -7.22 -21.39 6.72
C LYS A 136 -6.86 -19.93 6.99
N LEU A 137 -6.89 -19.10 5.96
CA LEU A 137 -6.60 -17.67 6.13
C LEU A 137 -7.77 -16.92 6.77
N ARG A 138 -8.98 -17.18 6.28
CA ARG A 138 -10.17 -16.56 6.86
C ARG A 138 -10.36 -16.99 8.32
N GLY A 139 -10.22 -18.29 8.59
CA GLY A 139 -10.32 -18.81 9.95
C GLY A 139 -9.35 -18.16 10.93
N ALA A 140 -8.19 -17.78 10.44
CA ALA A 140 -7.17 -17.14 11.26
C ALA A 140 -7.43 -15.65 11.42
N ALA A 141 -8.10 -15.05 10.44
CA ALA A 141 -8.40 -13.62 10.43
C ALA A 141 -9.70 -13.27 11.16
N GLU A 142 -10.68 -14.17 11.14
CA GLU A 142 -11.95 -13.86 11.79
C GLU A 142 -11.92 -14.27 13.24
N LYS A 143 -10.95 -15.12 13.59
CA LYS A 143 -10.70 -15.53 14.97
C LYS A 143 -10.00 -14.40 15.69
N GLN A 144 -9.05 -13.79 14.98
CA GLN A 144 -8.34 -12.63 15.47
C GLN A 144 -8.81 -11.38 14.74
N ASP A 145 -9.94 -10.81 15.19
CA ASP A 145 -10.53 -9.64 14.50
C ASP A 145 -10.81 -8.46 15.43
N PRO A 146 -9.81 -7.57 15.60
CA PRO A 146 -9.95 -6.36 16.40
C PRO A 146 -10.58 -5.22 15.61
N LEU A 147 -10.73 -5.43 14.30
CA LEU A 147 -11.31 -4.43 13.42
C LEU A 147 -12.77 -4.76 13.12
N SER A 148 -13.30 -5.79 13.78
CA SER A 148 -14.64 -6.27 13.50
C SER A 148 -15.66 -5.14 13.57
N GLY A 149 -15.40 -4.15 14.43
CA GLY A 149 -16.34 -3.04 14.65
C GLY A 149 -16.44 -2.04 13.51
N LEU A 150 -15.48 -2.10 12.58
CA LEU A 150 -15.40 -1.17 11.46
C LEU A 150 -16.26 -1.58 10.26
N THR A 151 -16.74 -0.60 9.50
CA THR A 151 -17.36 -0.83 8.21
C THR A 151 -16.31 -1.14 7.17
N ASP A 152 -16.74 -1.74 6.05
CA ASP A 152 -15.83 -2.09 4.96
C ASP A 152 -15.07 -0.88 4.46
N GLN A 153 -15.76 0.26 4.41
CA GLN A 153 -15.17 1.46 3.89
C GLN A 153 -14.09 1.95 4.85
N GLU A 154 -14.34 1.80 6.15
CA GLU A 154 -13.39 2.19 7.16
C GLU A 154 -12.16 1.26 7.13
N ARG A 155 -12.38 -0.01 6.83
CA ARG A 155 -11.25 -0.95 6.70
C ARG A 155 -10.34 -0.57 5.53
N THR A 156 -10.94 -0.17 4.43
CA THR A 156 -10.23 0.23 3.20
C THR A 156 -9.45 1.50 3.43
N LEU A 157 -10.09 2.47 4.07
CA LEU A 157 -9.46 3.71 4.45
C LEU A 157 -8.27 3.45 5.37
N LEU A 158 -8.47 2.61 6.38
CA LEU A 158 -7.39 2.29 7.32
C LEU A 158 -6.20 1.67 6.59
N GLY A 159 -6.46 0.78 5.66
CA GLY A 159 -5.38 0.21 4.83
C GLY A 159 -4.63 1.27 4.03
N LEU A 160 -5.38 2.19 3.43
CA LEU A 160 -4.78 3.24 2.58
C LEU A 160 -3.96 4.22 3.42
N LEU A 161 -4.45 4.49 4.63
CA LEU A 161 -3.75 5.33 5.61
C LEU A 161 -2.42 4.71 6.00
N SER A 162 -2.43 3.40 6.26
CA SER A 162 -1.24 2.61 6.63
C SER A 162 -0.15 2.54 5.55
N GLU A 163 -0.52 2.85 4.31
CA GLU A 163 0.45 2.98 3.22
C GLU A 163 1.01 4.40 3.17
N GLY A 164 0.48 5.31 3.99
CA GLY A 164 1.00 6.66 4.01
C GLY A 164 0.55 7.49 2.81
N LEU A 165 -0.65 7.25 2.31
CA LEU A 165 -1.18 8.01 1.18
C LEU A 165 -1.70 9.36 1.70
N THR A 166 -1.60 10.43 0.91
CA THR A 166 -2.18 11.69 1.38
C THR A 166 -3.71 11.64 1.35
N ASN A 167 -4.36 12.60 1.99
CA ASN A 167 -5.82 12.68 1.90
C ASN A 167 -6.31 12.82 0.46
N LYS A 168 -5.55 13.55 -0.35
CA LYS A 168 -5.85 13.69 -1.76
C LYS A 168 -5.78 12.39 -2.55
N GLN A 169 -4.77 11.56 -2.28
CA GLN A 169 -4.64 10.27 -2.96
C GLN A 169 -5.72 9.34 -2.47
N ILE A 170 -6.08 9.45 -1.19
CA ILE A 170 -7.18 8.65 -0.69
C ILE A 170 -8.54 9.07 -1.33
N ALA A 171 -8.76 10.37 -1.44
CA ALA A 171 -9.96 10.87 -2.10
C ALA A 171 -10.05 10.32 -3.50
N ASP A 172 -8.95 10.40 -4.23
CA ASP A 172 -8.89 9.95 -5.62
C ASP A 172 -9.24 8.48 -5.78
N ARG A 173 -8.69 7.67 -4.86
CA ARG A 173 -8.85 6.22 -4.87
C ARG A 173 -10.18 5.71 -4.35
N MET A 174 -10.86 6.54 -3.57
CA MET A 174 -12.10 6.15 -2.92
C MET A 174 -13.26 6.93 -3.49
N PHE A 175 -12.98 7.79 -4.47
CA PHE A 175 -14.02 8.61 -5.15
C PHE A 175 -14.84 9.41 -4.13
N LEU A 176 -14.10 10.06 -3.25
CA LEU A 176 -14.68 10.91 -2.25
C LEU A 176 -14.10 12.31 -2.45
N ALA A 177 -14.86 13.32 -2.05
CA ALA A 177 -14.35 14.67 -1.93
C ALA A 177 -13.27 14.66 -0.86
N GLU A 178 -12.24 15.48 -1.04
CA GLU A 178 -11.17 15.54 -0.06
C GLU A 178 -11.66 15.89 1.33
N LYS A 179 -12.59 16.83 1.44
CA LYS A 179 -13.05 17.19 2.78
C LYS A 179 -13.81 16.04 3.45
N THR A 180 -14.43 15.18 2.64
CA THR A 180 -15.10 13.99 3.15
C THR A 180 -14.09 12.98 3.71
N VAL A 181 -12.96 12.81 3.01
CA VAL A 181 -11.87 11.98 3.50
C VAL A 181 -11.43 12.47 4.89
N LYS A 182 -11.16 13.77 5.02
CA LYS A 182 -10.77 14.34 6.31
C LYS A 182 -11.75 13.96 7.42
N ASN A 183 -13.05 13.99 7.12
CA ASN A 183 -14.08 13.64 8.10
C ASN A 183 -14.12 12.13 8.36
N TYR A 184 -13.89 11.33 7.33
CA TYR A 184 -13.91 9.89 7.50
C TYR A 184 -12.70 9.40 8.28
N VAL A 185 -11.59 10.11 8.15
CA VAL A 185 -10.34 9.74 8.81
C VAL A 185 -10.51 10.04 10.29
N SER A 186 -11.03 11.23 10.57
CA SER A 186 -11.20 11.65 11.93
C SER A 186 -12.23 10.76 12.64
N ARG A 187 -13.26 10.37 11.89
CA ARG A 187 -14.27 9.43 12.35
C ARG A 187 -13.68 8.05 12.65
N LEU A 188 -12.85 7.56 11.73
CA LEU A 188 -12.21 6.26 11.89
C LEU A 188 -11.23 6.27 13.08
N LEU A 189 -10.39 7.30 13.16
CA LEU A 189 -9.49 7.47 14.30
C LEU A 189 -10.21 7.53 15.66
N ALA A 190 -11.34 8.26 15.71
CA ALA A 190 -12.14 8.35 16.92
C ALA A 190 -12.70 6.98 17.26
N LYS A 191 -13.23 6.28 16.26
CA LYS A 191 -13.75 4.93 16.46
C LYS A 191 -12.68 3.97 16.94
N LEU A 192 -11.43 4.17 16.51
CA LEU A 192 -10.34 3.29 16.97
C LEU A 192 -9.80 3.64 18.36
N GLY A 193 -10.37 4.66 19.00
CA GLY A 193 -9.95 5.06 20.34
C GLY A 193 -8.80 6.06 20.37
N MET A 194 -8.56 6.74 19.25
CA MET A 194 -7.32 7.54 19.08
C MET A 194 -7.61 9.04 19.07
N GLU A 195 -8.79 9.40 19.52
CA GLU A 195 -9.14 10.80 19.70
C GLU A 195 -9.76 11.02 21.08
N ARG A 196 -9.20 10.36 22.09
CA ARG A 196 -9.65 10.54 23.46
C ARG A 196 -9.33 11.97 23.94
N ARG A 197 -8.40 12.66 23.28
CA ARG A 197 -8.16 14.11 23.48
C ARG A 197 -7.73 14.71 22.14
N THR A 198 -7.86 16.03 21.98
CA THR A 198 -7.52 16.67 20.69
C THR A 198 -6.03 16.93 20.60
N GLN A 199 -5.59 17.38 19.42
CA GLN A 199 -4.20 17.75 19.18
C GLN A 199 -3.86 19.04 19.91
N ALA A 200 -4.81 19.97 19.90
CA ALA A 200 -4.62 21.27 20.49
C ALA A 200 -4.47 21.14 21.99
N ALA A 201 -5.20 20.19 22.56
CA ALA A 201 -5.13 19.92 24.00
C ALA A 201 -3.80 19.28 24.39
N VAL A 202 -3.23 18.45 23.52
CA VAL A 202 -1.89 17.90 23.74
C VAL A 202 -0.85 19.03 23.69
N PHE A 203 -0.95 19.85 22.65
CA PHE A 203 -0.08 21.01 22.48
C PHE A 203 -0.10 21.94 23.68
N ALA A 204 -1.30 22.31 24.14
CA ALA A 204 -1.48 23.21 25.26
C ALA A 204 -0.91 22.60 26.54
N THR A 205 -1.10 21.29 26.70
CA THR A 205 -0.50 20.56 27.83
C THR A 205 1.02 20.61 27.84
N GLU A 206 1.66 20.39 26.70
CA GLU A 206 3.13 20.38 26.66
C GLU A 206 3.69 21.80 26.76
N LEU A 207 2.92 22.76 26.23
CA LEU A 207 3.29 24.17 26.27
C LEU A 207 3.42 24.65 27.72
N LYS A 208 2.49 24.22 28.57
CA LYS A 208 2.51 24.61 29.97
C LYS A 208 3.56 23.88 30.79
N ARG A 209 4.34 23.01 30.15
CA ARG A 209 5.48 22.39 30.85
C ARG A 209 6.75 23.21 30.65
N SER A 210 6.71 24.11 29.67
CA SER A 210 7.85 24.96 29.34
C SER A 210 7.73 26.35 29.96
N ARG A 211 6.61 27.03 29.68
CA ARG A 211 6.37 28.39 30.16
C ARG A 211 6.61 28.55 31.66
N MET B 1 -16.58 -10.94 -30.65
CA MET B 1 -15.31 -10.17 -30.76
C MET B 1 -14.60 -9.94 -29.43
N VAL B 2 -13.54 -9.13 -29.47
CA VAL B 2 -12.75 -8.83 -28.29
C VAL B 2 -12.96 -7.36 -27.94
N LYS B 3 -13.54 -7.10 -26.78
CA LYS B 3 -13.77 -5.75 -26.30
C LYS B 3 -12.48 -5.22 -25.68
N VAL B 4 -12.01 -4.09 -26.21
CA VAL B 4 -10.77 -3.52 -25.76
C VAL B 4 -11.03 -2.15 -25.12
N PHE B 5 -10.42 -1.92 -23.95
CA PHE B 5 -10.44 -0.61 -23.32
C PHE B 5 -9.03 -0.01 -23.40
N LEU B 6 -8.95 1.26 -23.79
CA LEU B 6 -7.69 1.99 -23.90
C LEU B 6 -7.40 2.90 -22.71
N VAL B 7 -6.21 2.80 -22.13
CA VAL B 7 -5.83 3.70 -21.03
C VAL B 7 -4.48 4.34 -21.35
N ASP B 8 -4.51 5.66 -21.53
CA ASP B 8 -3.33 6.41 -21.93
C ASP B 8 -3.59 7.91 -21.78
N ASP B 9 -2.65 8.64 -21.18
CA ASP B 9 -2.87 10.06 -20.91
C ASP B 9 -2.64 10.99 -22.11
N HIS B 10 -2.25 10.43 -23.25
CA HIS B 10 -2.05 11.21 -24.46
C HIS B 10 -3.19 11.01 -25.45
N GLU B 11 -3.93 12.09 -25.72
CA GLU B 11 -4.96 12.05 -26.75
C GLU B 11 -4.42 11.47 -28.05
N VAL B 12 -3.25 11.96 -28.49
CA VAL B 12 -2.63 11.51 -29.75
C VAL B 12 -2.47 9.99 -29.80
N VAL B 13 -2.20 9.39 -28.65
CA VAL B 13 -1.93 7.97 -28.59
C VAL B 13 -3.23 7.20 -28.57
N ARG B 14 -4.22 7.74 -27.88
CA ARG B 14 -5.55 7.16 -27.83
C ARG B 14 -6.20 7.14 -29.20
N ARG B 15 -6.08 8.26 -29.93
CA ARG B 15 -6.65 8.39 -31.27
C ARG B 15 -5.96 7.45 -32.25
N GLY B 16 -4.63 7.32 -32.15
CA GLY B 16 -3.88 6.43 -33.05
C GLY B 16 -4.25 4.98 -32.86
N LEU B 17 -4.37 4.59 -31.60
CA LEU B 17 -4.79 3.26 -31.18
C LEU B 17 -6.24 2.97 -31.59
N VAL B 18 -7.10 3.98 -31.54
CA VAL B 18 -8.48 3.84 -32.01
C VAL B 18 -8.54 3.55 -33.52
N ASP B 19 -7.71 4.27 -34.28
CA ASP B 19 -7.49 4.02 -35.69
C ASP B 19 -7.00 2.62 -36.02
N LEU B 20 -5.99 2.19 -35.28
CA LEU B 20 -5.39 0.88 -35.42
C LEU B 20 -6.44 -0.22 -35.19
N LEU B 21 -7.05 -0.20 -34.01
CA LEU B 21 -8.01 -1.25 -33.65
C LEU B 21 -9.26 -1.20 -34.49
N GLY B 22 -9.59 -0.03 -35.03
CA GLY B 22 -10.78 0.11 -35.89
C GLY B 22 -10.71 -0.69 -37.18
N ALA B 23 -9.52 -0.84 -37.75
CA ALA B 23 -9.37 -1.58 -38.98
C ALA B 23 -9.54 -3.08 -38.75
N ASP B 24 -9.54 -3.50 -37.49
CA ASP B 24 -9.78 -4.91 -37.22
C ASP B 24 -11.22 -5.24 -36.73
N PRO B 25 -12.04 -5.84 -37.59
CA PRO B 25 -13.44 -6.09 -37.24
C PRO B 25 -13.60 -7.07 -36.09
N GLU B 26 -12.51 -7.67 -35.66
CA GLU B 26 -12.56 -8.62 -34.57
C GLU B 26 -12.39 -7.89 -33.23
N LEU B 27 -11.89 -6.67 -33.31
CA LEU B 27 -11.65 -5.88 -32.12
C LEU B 27 -12.75 -4.85 -32.00
N ASP B 28 -13.05 -4.46 -30.77
CA ASP B 28 -14.12 -3.51 -30.49
C ASP B 28 -13.61 -2.66 -29.35
N VAL B 29 -13.13 -1.46 -29.65
CA VAL B 29 -12.81 -0.49 -28.61
C VAL B 29 -14.08 -0.04 -27.86
N VAL B 30 -14.25 -0.46 -26.62
CA VAL B 30 -15.48 -0.13 -25.85
C VAL B 30 -15.34 1.05 -24.87
N GLY B 31 -14.15 1.66 -24.81
CA GLY B 31 -13.95 2.87 -24.01
C GLY B 31 -12.50 3.29 -23.84
N GLU B 32 -12.30 4.49 -23.32
CA GLU B 32 -10.95 4.99 -23.09
C GLU B 32 -10.86 5.86 -21.82
N ALA B 33 -9.68 5.93 -21.22
CA ALA B 33 -9.43 6.72 -20.00
C ALA B 33 -8.01 7.32 -20.03
N GLY B 34 -7.81 8.48 -19.43
CA GLY B 34 -6.53 9.18 -19.49
C GLY B 34 -5.85 9.30 -18.13
N SER B 35 -6.22 8.41 -17.22
CA SER B 35 -5.76 8.47 -15.83
C SER B 35 -6.21 7.23 -15.08
N VAL B 36 -5.64 7.00 -13.88
CA VAL B 36 -6.05 5.90 -12.99
C VAL B 36 -7.52 6.00 -12.52
N ALA B 37 -7.95 7.19 -12.07
CA ALA B 37 -9.34 7.40 -11.63
C ALA B 37 -10.35 7.12 -12.75
N GLU B 38 -10.13 7.68 -13.92
CA GLU B 38 -11.07 7.43 -15.00
C GLU B 38 -11.20 5.96 -15.31
N ALA B 39 -10.08 5.26 -15.42
CA ALA B 39 -10.11 3.86 -15.73
C ALA B 39 -10.77 3.05 -14.63
N MET B 40 -10.65 3.50 -13.38
CA MET B 40 -11.26 2.74 -12.27
C MET B 40 -12.77 2.88 -12.29
N ALA B 41 -13.26 4.04 -12.72
CA ALA B 41 -14.68 4.27 -12.83
C ALA B 41 -15.24 3.63 -14.10
N ARG B 42 -14.52 3.78 -15.20
CA ARG B 42 -15.00 3.32 -16.52
C ARG B 42 -14.81 1.84 -16.89
N VAL B 43 -13.69 1.24 -16.51
CA VAL B 43 -13.43 -0.14 -16.95
C VAL B 43 -14.45 -1.12 -16.35
N PRO B 44 -14.73 -1.03 -15.04
CA PRO B 44 -15.73 -1.96 -14.49
C PRO B 44 -17.15 -1.70 -15.01
N ALA B 45 -17.37 -0.52 -15.59
CA ALA B 45 -18.62 -0.22 -16.27
C ALA B 45 -18.69 -0.82 -17.67
N ALA B 46 -17.58 -0.76 -18.41
CA ALA B 46 -17.54 -1.28 -19.79
C ALA B 46 -17.32 -2.80 -19.85
N ARG B 47 -16.78 -3.38 -18.78
CA ARG B 47 -16.38 -4.80 -18.76
C ARG B 47 -15.70 -5.25 -20.06
N PRO B 48 -14.53 -4.69 -20.37
CA PRO B 48 -13.79 -5.24 -21.52
C PRO B 48 -13.18 -6.61 -21.27
N ASP B 49 -12.78 -7.25 -22.36
CA ASP B 49 -11.96 -8.44 -22.30
C ASP B 49 -10.53 -8.05 -22.04
N VAL B 50 -10.10 -6.92 -22.61
CA VAL B 50 -8.71 -6.53 -22.52
C VAL B 50 -8.52 -5.05 -22.30
N ALA B 51 -7.58 -4.73 -21.41
CA ALA B 51 -7.16 -3.36 -21.16
C ALA B 51 -5.78 -3.14 -21.77
N VAL B 52 -5.70 -2.10 -22.61
CA VAL B 52 -4.46 -1.69 -23.26
C VAL B 52 -4.04 -0.39 -22.65
N LEU B 53 -2.80 -0.38 -22.17
CA LEU B 53 -2.38 0.41 -21.04
C LEU B 53 -0.98 0.96 -21.22
N ASP B 54 -0.77 2.20 -20.80
CA ASP B 54 0.55 2.79 -20.63
C ASP B 54 0.88 2.67 -19.13
N VAL B 55 2.16 2.44 -18.81
CA VAL B 55 2.56 2.45 -17.41
C VAL B 55 2.58 3.86 -16.82
N ARG B 56 2.76 4.89 -17.65
CA ARG B 56 2.79 6.27 -17.14
C ARG B 56 1.42 6.98 -17.16
N LEU B 57 0.95 7.34 -15.97
CA LEU B 57 -0.35 8.00 -15.81
C LEU B 57 -0.19 9.22 -14.90
N PRO B 58 -1.13 10.18 -14.98
CA PRO B 58 -0.97 11.45 -14.28
C PRO B 58 -1.20 11.38 -12.77
N ASP B 59 -1.89 10.34 -12.32
CA ASP B 59 -2.37 10.26 -10.95
C ASP B 59 -2.04 8.92 -10.31
N GLY B 60 -0.93 8.33 -10.72
CA GLY B 60 -0.51 7.02 -10.25
C GLY B 60 0.30 6.40 -11.36
N ASN B 61 0.08 5.11 -11.59
CA ASN B 61 0.79 4.39 -12.64
C ASN B 61 0.02 3.14 -13.06
N GLY B 62 0.45 2.53 -14.16
CA GLY B 62 -0.21 1.35 -14.74
C GLY B 62 -0.09 0.06 -13.95
N ILE B 63 0.97 -0.08 -13.15
CA ILE B 63 1.13 -1.22 -12.24
C ILE B 63 0.08 -1.13 -11.12
N GLU B 64 0.01 0.04 -10.46
CA GLU B 64 -1.09 0.33 -9.55
C GLU B 64 -2.45 0.07 -10.19
N LEU B 65 -2.70 0.65 -11.37
CA LEU B 65 -4.00 0.46 -12.04
C LEU B 65 -4.31 -1.03 -12.32
N CYS B 66 -3.33 -1.76 -12.83
CA CYS B 66 -3.56 -3.17 -13.11
CA CYS B 66 -3.51 -3.18 -13.11
C CYS B 66 -3.87 -3.95 -11.84
N ARG B 67 -3.10 -3.74 -10.78
CA ARG B 67 -3.40 -4.41 -9.51
C ARG B 67 -4.82 -4.11 -9.00
N ASP B 68 -5.22 -2.84 -9.10
CA ASP B 68 -6.52 -2.39 -8.58
C ASP B 68 -7.66 -2.91 -9.43
N LEU B 69 -7.45 -2.95 -10.74
CA LEU B 69 -8.47 -3.47 -11.66
C LEU B 69 -8.59 -4.97 -11.52
N LEU B 70 -7.46 -5.63 -11.32
CA LEU B 70 -7.42 -7.10 -11.28
C LEU B 70 -8.07 -7.69 -10.04
N SER B 71 -8.12 -6.94 -8.95
CA SER B 71 -8.74 -7.46 -7.74
C SER B 71 -10.27 -7.41 -7.81
N ARG B 72 -10.77 -6.46 -8.58
CA ARG B 72 -12.20 -6.29 -8.84
C ARG B 72 -12.64 -7.12 -10.04
N MET B 73 -11.75 -7.27 -11.02
CA MET B 73 -12.03 -8.03 -12.23
C MET B 73 -10.88 -8.97 -12.57
N PRO B 74 -10.87 -10.17 -11.95
CA PRO B 74 -9.74 -11.08 -11.95
C PRO B 74 -9.35 -11.64 -13.32
N ASP B 75 -10.30 -11.78 -14.23
CA ASP B 75 -10.04 -12.39 -15.53
C ASP B 75 -9.68 -11.39 -16.61
N LEU B 76 -9.57 -10.10 -16.24
CA LEU B 76 -9.21 -9.05 -17.20
C LEU B 76 -7.81 -9.27 -17.75
N ARG B 77 -7.64 -9.07 -19.06
CA ARG B 77 -6.32 -9.18 -19.68
C ARG B 77 -5.70 -7.79 -19.77
N CYS B 78 -4.47 -7.66 -19.30
CA CYS B 78 -3.81 -6.37 -19.27
C CYS B 78 -2.53 -6.36 -20.11
N LEU B 79 -2.53 -5.51 -21.15
CA LEU B 79 -1.42 -5.39 -22.08
C LEU B 79 -0.79 -4.00 -21.97
N ILE B 80 0.46 -3.94 -21.52
CA ILE B 80 1.22 -2.68 -21.47
C ILE B 80 1.74 -2.32 -22.86
N LEU B 81 1.52 -1.09 -23.31
CA LEU B 81 1.89 -0.68 -24.67
C LEU B 81 3.37 -0.95 -24.98
N THR B 82 4.22 -0.63 -24.01
CA THR B 82 5.68 -0.70 -24.15
C THR B 82 6.25 -2.10 -23.82
N SER B 83 5.34 -3.05 -23.57
CA SER B 83 5.72 -4.48 -23.46
C SER B 83 5.86 -5.13 -24.84
N TYR B 84 5.47 -4.40 -25.88
CA TYR B 84 5.52 -4.91 -27.23
C TYR B 84 6.46 -4.02 -28.02
N THR B 85 7.22 -4.63 -28.93
CA THR B 85 8.10 -3.87 -29.79
C THR B 85 7.36 -3.12 -30.88
N SER B 86 6.10 -3.48 -31.12
CA SER B 86 5.27 -2.82 -32.12
C SER B 86 3.80 -3.05 -31.82
N ASP B 87 2.95 -2.21 -32.40
CA ASP B 87 1.50 -2.35 -32.30
C ASP B 87 0.99 -3.63 -32.95
N GLU B 88 1.71 -4.10 -33.96
CA GLU B 88 1.42 -5.36 -34.63
C GLU B 88 1.61 -6.55 -33.69
N ALA B 89 2.72 -6.59 -32.96
CA ALA B 89 2.94 -7.67 -32.00
C ALA B 89 1.87 -7.61 -30.92
N MET B 90 1.54 -6.40 -30.47
CA MET B 90 0.49 -6.21 -29.48
C MET B 90 -0.86 -6.78 -29.98
N LEU B 91 -1.21 -6.44 -31.21
CA LEU B 91 -2.47 -6.90 -31.82
C LEU B 91 -2.48 -8.42 -31.96
N ASP B 92 -1.35 -8.99 -32.34
CA ASP B 92 -1.22 -10.44 -32.38
C ASP B 92 -1.49 -11.07 -30.99
N ALA B 93 -0.87 -10.48 -29.96
CA ALA B 93 -1.06 -10.97 -28.59
C ALA B 93 -2.53 -10.94 -28.19
N ILE B 94 -3.21 -9.81 -28.43
CA ILE B 94 -4.66 -9.73 -28.25
C ILE B 94 -5.41 -10.88 -28.94
N LEU B 95 -5.19 -11.02 -30.25
CA LEU B 95 -5.82 -12.08 -31.02
C LEU B 95 -5.49 -13.47 -30.46
N ALA B 96 -4.27 -13.62 -29.92
CA ALA B 96 -3.80 -14.90 -29.38
C ALA B 96 -4.40 -15.21 -28.01
N GLY B 97 -5.05 -14.23 -27.41
CA GLY B 97 -5.62 -14.42 -26.07
C GLY B 97 -4.63 -14.23 -24.92
N ALA B 98 -3.51 -13.57 -25.19
CA ALA B 98 -2.50 -13.32 -24.18
C ALA B 98 -3.07 -12.47 -23.04
N SER B 99 -2.68 -12.80 -21.80
CA SER B 99 -3.16 -12.08 -20.61
C SER B 99 -2.34 -10.85 -20.28
N GLY B 100 -1.06 -10.85 -20.68
CA GLY B 100 -0.12 -9.79 -20.35
C GLY B 100 0.74 -10.25 -19.18
N TYR B 101 2.04 -9.99 -19.24
CA TYR B 101 2.96 -10.44 -18.16
C TYR B 101 2.68 -9.79 -16.82
N VAL B 102 2.22 -8.55 -16.84
CA VAL B 102 1.96 -7.81 -15.62
C VAL B 102 0.95 -8.53 -14.74
N VAL B 103 0.00 -9.25 -15.35
CA VAL B 103 -1.01 -9.98 -14.58
C VAL B 103 -0.38 -11.04 -13.67
N LYS B 104 0.43 -11.91 -14.25
CA LYS B 104 1.14 -12.93 -13.49
C LYS B 104 2.04 -12.28 -12.44
N ASP B 105 2.70 -11.20 -12.83
CA ASP B 105 3.57 -10.44 -11.94
C ASP B 105 2.84 -9.91 -10.70
N ILE B 106 1.65 -9.31 -10.88
CA ILE B 106 0.87 -8.76 -9.77
C ILE B 106 0.45 -9.87 -8.80
N LYS B 107 -0.03 -10.98 -9.35
CA LYS B 107 -0.46 -12.10 -8.53
C LYS B 107 0.72 -12.72 -7.75
N GLY B 108 1.87 -12.82 -8.41
CA GLY B 108 3.08 -13.29 -7.75
C GLY B 108 3.39 -12.43 -6.54
N MET B 109 3.38 -11.13 -6.75
CA MET B 109 3.59 -10.16 -5.69
C MET B 109 2.55 -10.22 -4.56
N GLU B 110 1.29 -10.43 -4.89
CA GLU B 110 0.27 -10.56 -3.84
C GLU B 110 0.38 -11.83 -3.00
N LEU B 111 0.82 -12.93 -3.62
CA LEU B 111 1.14 -14.13 -2.85
C LEU B 111 2.27 -13.84 -1.87
N ALA B 112 3.27 -13.10 -2.33
CA ALA B 112 4.42 -12.77 -1.50
C ALA B 112 4.07 -11.77 -0.40
N ARG B 113 3.24 -10.79 -0.73
CA ARG B 113 2.73 -9.84 0.25
C ARG B 113 1.97 -10.57 1.35
N ALA B 114 1.22 -11.60 0.98
CA ALA B 114 0.43 -12.32 1.96
C ALA B 114 1.31 -13.01 3.00
N VAL B 115 2.45 -13.56 2.56
CA VAL B 115 3.44 -14.14 3.46
C VAL B 115 3.94 -13.11 4.48
N LYS B 116 4.20 -11.90 3.99
CA LYS B 116 4.66 -10.82 4.87
C LYS B 116 3.60 -10.40 5.88
N ASP B 117 2.38 -10.17 5.40
CA ASP B 117 1.25 -9.76 6.23
C ASP B 117 0.93 -10.75 7.36
N VAL B 118 0.87 -12.03 7.02
CA VAL B 118 0.67 -13.03 8.03
C VAL B 118 1.88 -13.04 8.95
N GLY B 119 3.07 -13.00 8.36
CA GLY B 119 4.30 -12.87 9.14
C GLY B 119 4.22 -11.77 10.18
N ALA B 120 3.72 -10.61 9.76
CA ALA B 120 3.66 -9.46 10.63
C ALA B 120 2.52 -9.55 11.65
N GLY B 121 1.46 -10.28 11.29
CA GLY B 121 0.27 -10.34 12.15
C GLY B 121 0.12 -11.63 12.94
N ARG B 122 1.18 -12.42 12.96
CA ARG B 122 1.10 -13.78 13.49
C ARG B 122 1.03 -13.83 15.00
N SER B 123 1.46 -12.77 15.68
CA SER B 123 1.42 -12.77 17.14
C SER B 123 0.00 -12.66 17.67
N LEU B 124 -1.00 -12.80 16.80
CA LEU B 124 -2.41 -12.72 17.20
C LEU B 124 -3.03 -14.08 17.41
N LEU B 125 -2.63 -15.05 16.59
CA LEU B 125 -3.25 -16.38 16.59
C LEU B 125 -2.38 -17.45 17.30
N ASP B 126 -2.92 -18.67 17.44
CA ASP B 126 -2.22 -19.77 18.11
C ASP B 126 -0.80 -20.02 17.61
N ASN B 127 0.08 -20.46 18.52
CA ASN B 127 1.48 -20.72 18.19
C ASN B 127 1.61 -21.72 17.04
N ARG B 128 0.97 -22.87 17.19
CA ARG B 128 0.99 -23.94 16.17
C ARG B 128 0.13 -23.61 14.95
N ALA B 129 -0.88 -22.76 15.18
CA ALA B 129 -1.78 -22.34 14.11
C ALA B 129 -1.07 -21.34 13.18
N ALA B 130 -0.21 -20.52 13.77
CA ALA B 130 0.57 -19.54 13.02
C ALA B 130 1.63 -20.21 12.14
N ALA B 131 2.32 -21.21 12.68
CA ALA B 131 3.37 -21.92 11.92
C ALA B 131 2.77 -22.77 10.80
N ALA B 132 1.55 -23.27 11.02
CA ALA B 132 0.83 -24.06 10.02
C ALA B 132 0.44 -23.23 8.80
N LEU B 133 -0.15 -22.06 9.04
CA LEU B 133 -0.53 -21.15 7.96
C LEU B 133 0.70 -20.61 7.24
N MET B 134 1.69 -20.20 8.03
CA MET B 134 2.94 -19.65 7.49
C MET B 134 3.60 -20.64 6.53
N ALA B 135 3.59 -21.92 6.88
CA ALA B 135 4.21 -22.96 6.05
C ALA B 135 3.48 -23.16 4.71
N LYS B 136 2.15 -23.29 4.78
CA LYS B 136 1.33 -23.45 3.59
C LYS B 136 1.35 -22.22 2.67
N LEU B 137 1.55 -21.03 3.26
CA LEU B 137 1.59 -19.78 2.48
C LEU B 137 2.86 -19.61 1.64
N ARG B 138 4.01 -19.87 2.25
CA ARG B 138 5.29 -19.79 1.54
C ARG B 138 5.36 -20.84 0.43
N GLY B 139 4.79 -22.01 0.72
CA GLY B 139 4.76 -23.11 -0.24
C GLY B 139 4.05 -22.71 -1.52
N ALA B 140 2.94 -22.00 -1.37
CA ALA B 140 2.17 -21.52 -2.51
C ALA B 140 2.90 -20.41 -3.27
N ALA B 141 3.56 -19.51 -2.55
CA ALA B 141 4.32 -18.41 -3.14
C ALA B 141 5.66 -18.88 -3.72
N GLU B 142 6.19 -20.01 -3.23
CA GLU B 142 7.43 -20.56 -3.76
C GLU B 142 7.18 -21.36 -5.05
N LYS B 143 5.98 -21.93 -5.16
CA LYS B 143 5.57 -22.63 -6.38
C LYS B 143 5.35 -21.59 -7.47
N GLN B 144 4.59 -20.56 -7.12
CA GLN B 144 4.24 -19.50 -8.06
C GLN B 144 5.08 -18.25 -7.81
N ASP B 145 6.25 -18.20 -8.45
CA ASP B 145 7.19 -17.10 -8.25
C ASP B 145 7.65 -16.50 -9.57
N PRO B 146 6.80 -15.69 -10.22
CA PRO B 146 7.18 -15.04 -11.48
C PRO B 146 8.14 -13.88 -11.25
N LEU B 147 8.35 -13.54 -9.98
CA LEU B 147 9.17 -12.41 -9.61
C LEU B 147 10.53 -12.82 -9.08
N SER B 148 10.76 -14.14 -9.05
CA SER B 148 12.02 -14.73 -8.60
C SER B 148 13.26 -14.03 -9.15
N GLY B 149 13.17 -13.51 -10.38
CA GLY B 149 14.30 -12.86 -11.04
C GLY B 149 14.72 -11.50 -10.48
N LEU B 150 13.86 -10.89 -9.65
CA LEU B 150 14.11 -9.57 -9.04
C LEU B 150 14.87 -9.66 -7.72
N THR B 151 15.64 -8.62 -7.42
CA THR B 151 16.25 -8.46 -6.11
C THR B 151 15.16 -8.09 -5.10
N ASP B 152 15.54 -8.06 -3.83
CA ASP B 152 14.64 -7.64 -2.77
C ASP B 152 14.20 -6.19 -2.96
N GLN B 153 15.18 -5.35 -3.26
CA GLN B 153 14.92 -3.94 -3.41
C GLN B 153 13.92 -3.73 -4.53
N GLU B 154 14.06 -4.48 -5.62
CA GLU B 154 13.14 -4.39 -6.75
C GLU B 154 11.73 -4.90 -6.41
N ARG B 155 11.63 -5.96 -5.62
CA ARG B 155 10.34 -6.44 -5.13
C ARG B 155 9.60 -5.38 -4.31
N THR B 156 10.33 -4.76 -3.39
CA THR B 156 9.82 -3.70 -2.54
C THR B 156 9.37 -2.53 -3.38
N LEU B 157 10.23 -2.08 -4.29
CA LEU B 157 9.91 -0.96 -5.17
C LEU B 157 8.65 -1.23 -5.99
N LEU B 158 8.56 -2.44 -6.53
CA LEU B 158 7.39 -2.85 -7.28
C LEU B 158 6.15 -2.79 -6.40
N GLY B 159 6.28 -3.28 -5.17
CA GLY B 159 5.18 -3.24 -4.21
C GLY B 159 4.64 -1.83 -4.04
N LEU B 160 5.55 -0.89 -3.82
CA LEU B 160 5.23 0.52 -3.62
C LEU B 160 4.69 1.17 -4.89
N LEU B 161 5.21 0.77 -6.05
CA LEU B 161 4.65 1.23 -7.31
C LEU B 161 3.18 0.83 -7.40
N SER B 162 2.89 -0.42 -7.06
CA SER B 162 1.55 -0.97 -7.14
C SER B 162 0.57 -0.28 -6.19
N GLU B 163 1.09 0.48 -5.22
CA GLU B 163 0.22 1.30 -4.34
C GLU B 163 -0.07 2.68 -4.93
N GLY B 164 0.64 3.04 -5.99
CA GLY B 164 0.43 4.35 -6.61
C GLY B 164 1.16 5.47 -5.89
N LEU B 165 2.18 5.11 -5.12
CA LEU B 165 3.02 6.09 -4.44
C LEU B 165 3.83 6.85 -5.50
N THR B 166 4.09 8.13 -5.28
CA THR B 166 4.86 8.91 -6.27
C THR B 166 6.34 8.62 -6.13
N ASN B 167 7.13 9.05 -7.11
CA ASN B 167 8.58 8.83 -7.05
C ASN B 167 9.17 9.42 -5.77
N LYS B 168 8.66 10.60 -5.40
CA LYS B 168 9.11 11.30 -4.21
C LYS B 168 8.76 10.54 -2.94
N GLN B 169 7.54 10.02 -2.88
CA GLN B 169 7.11 9.15 -1.75
C GLN B 169 7.93 7.86 -1.68
N ILE B 170 8.16 7.25 -2.84
CA ILE B 170 9.05 6.08 -2.89
C ILE B 170 10.48 6.39 -2.37
N ALA B 171 11.06 7.50 -2.83
CA ALA B 171 12.36 7.95 -2.39
C ALA B 171 12.42 8.15 -0.88
N ASP B 172 11.36 8.73 -0.32
CA ASP B 172 11.32 9.03 1.10
C ASP B 172 11.26 7.75 1.93
N ARG B 173 10.58 6.77 1.36
CA ARG B 173 10.29 5.50 2.00
C ARG B 173 11.45 4.52 1.86
N MET B 174 12.25 4.70 0.80
CA MET B 174 13.35 3.80 0.51
C MET B 174 14.70 4.44 0.77
N PHE B 175 14.68 5.65 1.34
CA PHE B 175 15.92 6.39 1.60
C PHE B 175 16.83 6.39 0.36
N LEU B 176 16.23 6.76 -0.76
CA LEU B 176 16.96 6.96 -1.99
C LEU B 176 16.72 8.38 -2.46
N ALA B 177 17.66 8.93 -3.22
CA ALA B 177 17.47 10.20 -3.87
C ALA B 177 16.38 9.98 -4.91
N GLU B 178 15.55 10.99 -5.17
CA GLU B 178 14.50 10.84 -6.17
C GLU B 178 15.00 10.39 -7.55
N LYS B 179 16.17 10.90 -7.98
CA LYS B 179 16.76 10.51 -9.26
C LYS B 179 17.12 9.03 -9.32
N THR B 180 17.64 8.51 -8.22
CA THR B 180 17.94 7.09 -8.10
C THR B 180 16.68 6.22 -8.25
N VAL B 181 15.59 6.67 -7.65
CA VAL B 181 14.30 6.01 -7.77
C VAL B 181 13.83 5.92 -9.23
N LYS B 182 13.92 7.04 -9.95
CA LYS B 182 13.53 7.11 -11.36
C LYS B 182 14.34 6.10 -12.17
N ASN B 183 15.62 5.97 -11.84
CA ASN B 183 16.51 4.99 -12.47
C ASN B 183 16.11 3.57 -12.14
N TYR B 184 15.79 3.33 -10.86
CA TYR B 184 15.45 1.99 -10.39
C TYR B 184 14.12 1.52 -10.97
N VAL B 185 13.20 2.46 -11.16
CA VAL B 185 11.89 2.14 -11.70
C VAL B 185 12.04 1.66 -13.15
N SER B 186 12.86 2.38 -13.89
CA SER B 186 13.09 2.10 -15.29
C SER B 186 13.84 0.78 -15.48
N ARG B 187 14.85 0.57 -14.64
CA ARG B 187 15.55 -0.71 -14.52
C ARG B 187 14.57 -1.86 -14.24
N LEU B 188 13.66 -1.63 -13.29
CA LEU B 188 12.67 -2.63 -12.90
C LEU B 188 11.64 -2.91 -14.04
N LEU B 189 11.11 -1.85 -14.63
CA LEU B 189 10.17 -2.02 -15.74
C LEU B 189 10.84 -2.72 -16.92
N ALA B 190 12.11 -2.40 -17.18
CA ALA B 190 12.87 -3.07 -18.24
C ALA B 190 13.02 -4.54 -17.93
N LYS B 191 13.48 -4.85 -16.72
CA LYS B 191 13.57 -6.23 -16.24
C LYS B 191 12.26 -7.01 -16.41
N LEU B 192 11.11 -6.37 -16.23
CA LEU B 192 9.81 -7.05 -16.35
C LEU B 192 9.26 -7.13 -17.77
N GLY B 193 10.04 -6.68 -18.76
CA GLY B 193 9.68 -6.80 -20.17
C GLY B 193 8.82 -5.67 -20.69
N MET B 194 8.82 -4.56 -19.93
CA MET B 194 7.88 -3.44 -20.16
C MET B 194 8.56 -2.22 -20.79
N GLU B 195 9.81 -2.37 -21.19
CA GLU B 195 10.51 -1.31 -21.91
C GLU B 195 11.03 -1.76 -23.28
N ARG B 196 10.25 -2.62 -23.93
CA ARG B 196 10.61 -3.13 -25.23
C ARG B 196 10.60 -2.07 -26.32
N ARG B 197 9.84 -1.00 -26.13
CA ARG B 197 9.95 0.18 -26.99
C ARG B 197 9.76 1.37 -26.08
N THR B 198 10.28 2.54 -26.46
CA THR B 198 10.18 3.71 -25.59
C THR B 198 8.82 4.39 -25.71
N GLN B 199 8.55 5.29 -24.77
CA GLN B 199 7.32 6.06 -24.74
C GLN B 199 7.25 6.99 -25.97
N ALA B 200 8.39 7.56 -26.34
CA ALA B 200 8.45 8.49 -27.46
C ALA B 200 8.21 7.76 -28.76
N ALA B 201 8.59 6.49 -28.81
CA ALA B 201 8.36 5.66 -29.98
C ALA B 201 6.88 5.23 -30.11
N VAL B 202 6.21 5.04 -28.99
CA VAL B 202 4.76 4.84 -29.04
C VAL B 202 4.07 6.10 -29.63
N PHE B 203 4.42 7.26 -29.07
CA PHE B 203 3.89 8.55 -29.53
C PHE B 203 4.08 8.82 -31.01
N ALA B 204 5.31 8.64 -31.49
CA ALA B 204 5.63 8.86 -32.89
C ALA B 204 4.83 7.91 -33.77
N THR B 205 4.65 6.67 -33.31
CA THR B 205 3.84 5.69 -34.04
C THR B 205 2.36 6.06 -34.14
N GLU B 206 1.75 6.43 -33.01
CA GLU B 206 0.34 6.78 -33.04
C GLU B 206 0.10 8.10 -33.78
N LEU B 207 1.04 9.02 -33.65
CA LEU B 207 0.91 10.35 -34.28
C LEU B 207 0.91 10.25 -35.80
N LYS B 208 1.60 9.25 -36.33
CA LYS B 208 1.66 9.05 -37.79
C LYS B 208 0.35 8.44 -38.32
N ARG B 209 -0.46 7.90 -37.43
CA ARG B 209 -1.80 7.48 -37.81
C ARG B 209 -2.72 8.71 -37.80
N SER B 210 -2.18 9.85 -38.22
CA SER B 210 -2.98 11.08 -38.33
C SER B 210 -2.44 11.99 -39.44
S SO4 C . -0.66 -5.36 1.22
O1 SO4 C . 0.38 -4.74 0.47
O2 SO4 C . -1.43 -6.22 0.35
O3 SO4 C . -0.09 -6.18 2.27
O4 SO4 C . -1.53 -4.37 1.85
#